data_5ZDI
#
_entry.id   5ZDI
#
_cell.length_a   47.009
_cell.length_b   65.334
_cell.length_c   75.588
_cell.angle_alpha   90.00
_cell.angle_beta   90.00
_cell.angle_gamma   90.00
#
_symmetry.space_group_name_H-M   'P 21 21 21'
#
loop_
_entity.id
_entity.type
_entity.pdbx_description
1 polymer 'Protein secretion chaperonin CsaA'
2 non-polymer GLYCEROL
3 water water
#
_entity_poly.entity_id   1
_entity_poly.type   'polypeptide(L)'
_entity_poly.pdbx_seq_one_letter_code
;MITYNDFSKIDIRVGIIKEVSDFKEAIKPAYKLKIYFGDIIGYKNSSAQITNYKKDELINKKIIAVVNFPPKQIANFISE
VLVLGAITGDGVKLLTPDGGEPGDKIA
;
_entity_poly.pdbx_strand_id   A,B
#
# COMPACT_ATOMS: atom_id res chain seq x y z
N MET A 1 0.41 18.07 4.86
CA MET A 1 0.90 18.78 3.66
C MET A 1 0.10 18.45 2.39
N ILE A 2 -0.66 17.37 2.39
CA ILE A 2 -1.72 17.13 1.38
C ILE A 2 -3.11 17.29 1.99
N THR A 3 -4.18 17.02 1.23
CA THR A 3 -5.53 16.68 1.83
C THR A 3 -5.95 15.24 1.82
N TYR A 4 -6.96 14.83 2.64
CA TYR A 4 -7.58 13.45 2.51
C TYR A 4 -8.15 13.30 1.12
N ASN A 5 -8.63 14.44 0.59
CA ASN A 5 -9.08 14.44 -0.80
C ASN A 5 -7.97 14.13 -1.82
N ASP A 6 -6.76 14.67 -1.60
CA ASP A 6 -5.66 14.37 -2.49
C ASP A 6 -5.41 12.86 -2.59
N PHE A 7 -5.54 12.13 -1.50
CA PHE A 7 -5.27 10.70 -1.54
C PHE A 7 -6.40 9.98 -2.29
N SER A 8 -7.64 10.42 -2.12
CA SER A 8 -8.79 9.80 -2.78
CA SER A 8 -8.76 9.80 -2.79
C SER A 8 -8.69 9.86 -4.29
N LYS A 9 -7.92 10.84 -4.84
CA LYS A 9 -7.70 10.98 -6.28
C LYS A 9 -6.96 9.73 -6.87
N ILE A 10 -6.14 9.11 -6.01
CA ILE A 10 -5.33 7.96 -6.43
C ILE A 10 -6.17 6.65 -6.33
N ASP A 11 -6.19 5.91 -7.41
CA ASP A 11 -6.90 4.66 -7.49
C ASP A 11 -5.94 3.51 -7.23
N ILE A 12 -6.02 2.96 -6.03
CA ILE A 12 -5.06 1.90 -5.63
C ILE A 12 -5.82 0.60 -5.50
N ARG A 13 -5.38 -0.42 -6.26
CA ARG A 13 -6.04 -1.75 -6.25
C ARG A 13 -5.16 -2.90 -5.86
N VAL A 14 -5.81 -3.97 -5.43
CA VAL A 14 -5.18 -5.26 -5.36
C VAL A 14 -5.10 -5.84 -6.76
N GLY A 15 -3.95 -6.39 -7.06
CA GLY A 15 -3.73 -7.09 -8.32
C GLY A 15 -3.04 -8.42 -8.03
N ILE A 16 -2.98 -9.33 -9.00
CA ILE A 16 -2.23 -10.61 -8.85
C ILE A 16 -1.33 -10.75 -10.06
N ILE A 17 -0.05 -11.01 -9.81
CA ILE A 17 0.89 -11.15 -10.88
C ILE A 17 0.65 -12.51 -11.57
N LYS A 18 0.55 -12.50 -12.89
CA LYS A 18 0.31 -13.73 -13.66
C LYS A 18 1.45 -14.16 -14.57
N GLU A 19 2.27 -13.25 -15.03
CA GLU A 19 3.43 -13.56 -15.86
C GLU A 19 4.56 -12.60 -15.49
N VAL A 20 5.80 -13.08 -15.60
CA VAL A 20 6.97 -12.26 -15.27
C VAL A 20 8.03 -12.54 -16.32
N SER A 21 8.66 -11.48 -16.87
CA SER A 21 9.78 -11.67 -17.80
CA SER A 21 9.74 -11.61 -17.84
C SER A 21 10.86 -10.62 -17.50
N ASP A 22 12.08 -10.88 -17.98
CA ASP A 22 13.12 -9.86 -17.82
C ASP A 22 12.87 -8.64 -18.70
N PHE A 23 13.10 -7.43 -18.17
CA PHE A 23 12.99 -6.24 -18.94
C PHE A 23 14.41 -5.84 -19.44
N LYS A 24 14.82 -6.53 -20.50
CA LYS A 24 16.22 -6.50 -20.97
C LYS A 24 16.70 -5.12 -21.39
N GLU A 25 15.81 -4.32 -21.94
CA GLU A 25 16.20 -3.00 -22.42
C GLU A 25 16.27 -1.93 -21.35
N ALA A 26 15.77 -2.20 -20.12
CA ALA A 26 15.68 -1.15 -19.13
C ALA A 26 17.09 -0.89 -18.59
N ILE A 27 17.34 0.37 -18.26
CA ILE A 27 18.56 0.80 -17.58
C ILE A 27 18.75 0.11 -16.25
N LYS A 28 17.71 0.12 -15.46
CA LYS A 28 17.71 -0.45 -14.10
C LYS A 28 17.36 -1.95 -14.22
N PRO A 29 17.86 -2.77 -13.31
CA PRO A 29 17.36 -4.17 -13.36
C PRO A 29 15.84 -4.20 -13.11
N ALA A 30 15.08 -4.85 -13.98
CA ALA A 30 13.64 -4.77 -13.82
C ALA A 30 12.98 -5.96 -14.40
N TYR A 31 11.79 -6.24 -13.94
CA TYR A 31 10.93 -7.19 -14.61
C TYR A 31 9.77 -6.47 -15.31
N LYS A 32 9.36 -7.08 -16.39
CA LYS A 32 8.02 -6.86 -17.00
C LYS A 32 7.03 -7.80 -16.31
N LEU A 33 5.97 -7.23 -15.75
CA LEU A 33 4.93 -7.95 -15.08
C LEU A 33 3.59 -7.79 -15.81
N LYS A 34 2.86 -8.90 -15.96
CA LYS A 34 1.49 -8.91 -16.45
C LYS A 34 0.61 -9.27 -15.26
N ILE A 35 -0.26 -8.32 -14.89
CA ILE A 35 -0.98 -8.35 -13.59
C ILE A 35 -2.49 -8.28 -13.88
N TYR A 36 -3.23 -9.11 -13.18
CA TYR A 36 -4.71 -9.17 -13.33
C TYR A 36 -5.32 -8.38 -12.22
N PHE A 37 -6.27 -7.49 -12.56
CA PHE A 37 -6.88 -6.54 -11.63
C PHE A 37 -8.42 -6.74 -11.62
N GLY A 38 -8.88 -7.90 -12.04
CA GLY A 38 -10.30 -8.25 -11.89
C GLY A 38 -11.02 -8.10 -13.24
N ASP A 39 -12.32 -8.36 -13.22
CA ASP A 39 -13.15 -8.45 -14.42
CA ASP A 39 -12.98 -8.47 -14.51
C ASP A 39 -13.38 -7.17 -15.18
N ILE A 40 -13.26 -6.03 -14.51
CA ILE A 40 -13.50 -4.74 -15.13
C ILE A 40 -12.20 -4.12 -15.66
N ILE A 41 -11.17 -4.06 -14.82
CA ILE A 41 -9.88 -3.48 -15.31
C ILE A 41 -9.13 -4.41 -16.29
N GLY A 42 -9.22 -5.66 -16.01
CA GLY A 42 -8.48 -6.70 -16.70
C GLY A 42 -6.99 -6.70 -16.45
N TYR A 43 -6.19 -7.01 -17.49
CA TYR A 43 -4.74 -7.12 -17.36
C TYR A 43 -4.05 -5.82 -17.63
N LYS A 44 -2.99 -5.52 -16.88
CA LYS A 44 -2.17 -4.36 -17.13
C LYS A 44 -0.73 -4.84 -16.96
N ASN A 45 0.15 -4.18 -17.66
CA ASN A 45 1.58 -4.45 -17.60
C ASN A 45 2.23 -3.41 -16.74
N SER A 46 3.36 -3.79 -16.15
CA SER A 46 4.13 -2.92 -15.28
C SER A 46 5.59 -3.25 -15.42
N SER A 47 6.41 -2.22 -15.39
CA SER A 47 7.85 -2.37 -15.12
C SER A 47 8.16 -2.24 -13.64
N ALA A 48 8.81 -3.22 -13.05
CA ALA A 48 9.08 -3.16 -11.60
C ALA A 48 10.53 -3.53 -11.26
N GLN A 49 11.21 -2.67 -10.49
CA GLN A 49 12.61 -2.93 -10.05
C GLN A 49 12.59 -3.79 -8.81
N ILE A 50 12.18 -5.02 -9.01
CA ILE A 50 12.01 -6.02 -7.94
C ILE A 50 12.76 -7.34 -8.22
N THR A 51 13.91 -7.22 -8.89
CA THR A 51 14.64 -8.42 -9.26
C THR A 51 15.39 -9.07 -8.09
N ASN A 52 15.31 -8.49 -6.90
CA ASN A 52 15.60 -9.23 -5.69
C ASN A 52 14.71 -10.40 -5.45
N TYR A 53 13.49 -10.39 -6.05
CA TYR A 53 12.63 -11.54 -6.02
C TYR A 53 12.96 -12.40 -7.25
N LYS A 54 12.90 -13.72 -7.12
CA LYS A 54 12.98 -14.60 -8.27
C LYS A 54 11.64 -14.59 -8.93
N LYS A 55 11.66 -14.84 -10.22
CA LYS A 55 10.42 -14.84 -10.99
C LYS A 55 9.38 -15.74 -10.35
N ASP A 56 9.77 -16.95 -9.93
CA ASP A 56 8.83 -17.86 -9.30
C ASP A 56 8.24 -17.39 -7.98
N GLU A 57 8.90 -16.47 -7.29
CA GLU A 57 8.32 -15.83 -6.10
C GLU A 57 7.24 -14.85 -6.41
N LEU A 58 7.14 -14.37 -7.65
CA LEU A 58 6.16 -13.35 -7.95
C LEU A 58 4.91 -13.95 -8.61
N ILE A 59 5.02 -15.11 -9.26
CA ILE A 59 3.85 -15.73 -9.91
C ILE A 59 2.74 -15.97 -8.87
N ASN A 60 1.53 -15.51 -9.23
CA ASN A 60 0.42 -15.56 -8.33
C ASN A 60 0.53 -14.87 -6.99
N LYS A 61 1.46 -13.91 -6.89
CA LYS A 61 1.53 -13.04 -5.74
C LYS A 61 0.55 -11.86 -5.83
N LYS A 62 -0.21 -11.61 -4.74
CA LYS A 62 -1.11 -10.42 -4.68
C LYS A 62 -0.29 -9.20 -4.34
N ILE A 63 -0.41 -8.22 -5.18
CA ILE A 63 0.35 -6.98 -5.04
C ILE A 63 -0.65 -5.80 -4.99
N ILE A 64 -0.11 -4.60 -4.77
CA ILE A 64 -0.85 -3.41 -4.74
C ILE A 64 -0.32 -2.43 -5.75
N ALA A 65 -1.22 -1.79 -6.51
CA ALA A 65 -0.79 -0.87 -7.56
C ALA A 65 -1.71 0.33 -7.74
N VAL A 66 -1.09 1.42 -8.21
CA VAL A 66 -1.80 2.57 -8.67
C VAL A 66 -2.27 2.29 -10.10
N VAL A 67 -3.58 2.42 -10.37
CA VAL A 67 -4.09 2.01 -11.66
C VAL A 67 -4.62 3.12 -12.58
N ASN A 68 -4.55 4.34 -12.12
CA ASN A 68 -5.05 5.52 -12.90
C ASN A 68 -4.03 6.55 -13.24
N PHE A 69 -2.78 6.12 -13.34
CA PHE A 69 -1.75 6.97 -13.94
C PHE A 69 -1.85 6.89 -15.49
N PRO A 70 -1.34 7.94 -16.18
CA PRO A 70 -1.07 7.86 -17.59
C PRO A 70 -0.05 6.76 -17.91
N PRO A 71 -0.16 6.16 -19.09
CA PRO A 71 0.82 5.09 -19.40
C PRO A 71 2.18 5.68 -19.56
N LYS A 72 3.21 4.94 -19.15
CA LYS A 72 4.58 5.47 -19.14
C LYS A 72 5.38 4.60 -20.13
N GLN A 73 5.93 5.21 -21.15
CA GLN A 73 6.83 4.52 -22.07
C GLN A 73 8.22 4.39 -21.41
N ILE A 74 8.78 3.18 -21.46
CA ILE A 74 10.14 2.97 -21.03
C ILE A 74 10.73 2.09 -22.14
N ALA A 75 11.74 2.61 -22.85
CA ALA A 75 12.19 2.01 -24.10
C ALA A 75 11.02 1.71 -24.99
N ASN A 76 10.90 0.46 -25.44
CA ASN A 76 9.79 -0.05 -26.24
C ASN A 76 8.63 -0.72 -25.47
N PHE A 77 8.52 -0.46 -24.17
CA PHE A 77 7.52 -1.12 -23.31
C PHE A 77 6.66 -0.03 -22.68
N ILE A 78 5.38 -0.30 -22.51
CA ILE A 78 4.49 0.62 -21.81
C ILE A 78 4.11 0.04 -20.45
N SER A 79 4.50 0.77 -19.42
CA SER A 79 4.18 0.44 -18.04
C SER A 79 2.89 1.18 -17.72
N GLU A 80 1.87 0.41 -17.39
CA GLU A 80 0.50 0.91 -17.23
C GLU A 80 0.10 1.15 -15.81
N VAL A 81 0.77 0.47 -14.89
CA VAL A 81 0.48 0.64 -13.42
C VAL A 81 1.81 0.68 -12.65
N LEU A 82 1.73 1.22 -11.44
CA LEU A 82 2.89 1.32 -10.53
C LEU A 82 2.62 0.33 -9.40
N VAL A 83 3.49 -0.64 -9.27
CA VAL A 83 3.42 -1.62 -8.21
C VAL A 83 4.11 -1.01 -6.96
N LEU A 84 3.46 -1.09 -5.80
CA LEU A 84 3.95 -0.37 -4.61
C LEU A 84 4.84 -1.25 -3.82
N GLY A 85 5.97 -0.68 -3.44
CA GLY A 85 6.83 -1.40 -2.51
C GLY A 85 7.58 -0.42 -1.63
N ALA A 86 8.07 -0.90 -0.49
CA ALA A 86 8.87 -0.13 0.43
C ALA A 86 10.32 -0.18 0.02
N ILE A 87 11.00 0.94 0.14
CA ILE A 87 12.48 0.99 -0.10
C ILE A 87 13.17 0.72 1.19
N THR A 88 13.82 -0.41 1.25
CA THR A 88 14.36 -0.88 2.52
C THR A 88 15.86 -1.04 2.39
N GLY A 89 16.49 -1.32 3.51
CA GLY A 89 17.92 -1.63 3.53
C GLY A 89 18.26 -2.93 2.80
N ASP A 90 17.28 -3.79 2.57
CA ASP A 90 17.43 -5.05 1.80
C ASP A 90 16.75 -4.99 0.38
N GLY A 91 16.72 -3.81 -0.28
CA GLY A 91 15.98 -3.63 -1.50
C GLY A 91 14.46 -3.36 -1.34
N VAL A 92 13.81 -3.34 -2.49
CA VAL A 92 12.40 -3.08 -2.57
C VAL A 92 11.65 -4.30 -2.03
N LYS A 93 10.70 -4.07 -1.10
CA LYS A 93 9.88 -5.13 -0.55
C LYS A 93 8.44 -4.78 -0.89
N LEU A 94 7.83 -5.61 -1.71
CA LEU A 94 6.43 -5.42 -2.11
C LEU A 94 5.48 -5.29 -0.93
N LEU A 95 4.44 -4.50 -1.17
CA LEU A 95 3.26 -4.46 -0.35
C LEU A 95 2.31 -5.57 -0.74
N THR A 96 1.72 -6.27 0.27
CA THR A 96 0.76 -7.31 -0.02
CA THR A 96 0.75 -7.29 -0.04
C THR A 96 -0.47 -7.09 0.89
N PRO A 97 -1.70 -7.40 0.40
CA PRO A 97 -2.81 -7.34 1.29
C PRO A 97 -2.94 -8.59 2.12
N ASP A 98 -3.48 -8.47 3.32
CA ASP A 98 -3.66 -9.66 4.15
C ASP A 98 -4.66 -10.63 3.50
N GLY A 99 -5.48 -10.13 2.62
CA GLY A 99 -6.41 -10.92 1.88
C GLY A 99 -7.10 -10.00 0.90
N GLY A 100 -7.88 -10.60 -0.01
CA GLY A 100 -8.59 -9.80 -1.00
C GLY A 100 -8.47 -10.35 -2.40
N GLU A 101 -9.32 -9.83 -3.26
CA GLU A 101 -9.35 -10.26 -4.63
C GLU A 101 -8.84 -9.18 -5.55
N PRO A 102 -8.28 -9.58 -6.71
CA PRO A 102 -7.93 -8.58 -7.73
C PRO A 102 -9.04 -7.60 -8.10
N GLY A 103 -8.75 -6.29 -8.08
CA GLY A 103 -9.73 -5.21 -8.27
C GLY A 103 -10.27 -4.64 -6.98
N ASP A 104 -10.00 -5.32 -5.86
CA ASP A 104 -10.39 -4.70 -4.56
C ASP A 104 -9.63 -3.39 -4.38
N LYS A 105 -10.33 -2.41 -3.78
CA LYS A 105 -9.82 -1.03 -3.68
C LYS A 105 -9.32 -0.70 -2.32
N ILE A 106 -8.22 0.05 -2.29
CA ILE A 106 -7.67 0.49 -1.03
C ILE A 106 -8.48 1.69 -0.52
N ALA A 107 -8.86 1.68 0.77
CA ALA A 107 -9.80 2.65 1.37
C ALA A 107 -9.15 4.00 1.55
N MET B 1 -6.46 9.70 -14.91
CA MET B 1 -7.11 10.71 -14.03
C MET B 1 -6.05 11.70 -13.48
N ILE B 2 -4.89 11.17 -13.10
CA ILE B 2 -3.85 11.95 -12.38
C ILE B 2 -2.49 12.06 -13.10
N THR B 3 -1.48 12.63 -12.44
CA THR B 3 -0.10 12.45 -12.88
C THR B 3 0.64 11.79 -11.79
N TYR B 4 1.86 11.34 -12.08
CA TYR B 4 2.78 10.72 -11.11
C TYR B 4 3.00 11.67 -9.93
N ASN B 5 3.07 12.97 -10.19
CA ASN B 5 3.28 13.89 -9.11
C ASN B 5 2.18 13.90 -8.02
N ASP B 6 0.93 13.63 -8.43
CA ASP B 6 -0.17 13.57 -7.51
C ASP B 6 0.14 12.45 -6.49
N PHE B 7 0.79 11.37 -6.94
CA PHE B 7 1.18 10.28 -6.02
C PHE B 7 2.41 10.62 -5.22
N SER B 8 3.41 11.23 -5.85
CA SER B 8 4.68 11.46 -5.16
C SER B 8 4.52 12.44 -4.02
N LYS B 9 3.48 13.26 -4.07
CA LYS B 9 3.16 14.21 -2.99
C LYS B 9 2.71 13.54 -1.71
N ILE B 10 2.27 12.28 -1.78
CA ILE B 10 1.71 11.57 -0.65
C ILE B 10 2.93 10.81 -0.03
N ASP B 11 3.11 10.95 1.26
CA ASP B 11 4.21 10.32 2.01
C ASP B 11 3.64 9.07 2.67
N ILE B 12 4.02 7.92 2.14
CA ILE B 12 3.54 6.62 2.60
C ILE B 12 4.69 5.86 3.23
N ARG B 13 4.54 5.47 4.52
CA ARG B 13 5.60 4.84 5.29
C ARG B 13 5.19 3.47 5.87
N VAL B 14 6.21 2.65 6.11
CA VAL B 14 6.08 1.51 6.97
C VAL B 14 6.06 1.95 8.41
N GLY B 15 5.06 1.47 9.12
CA GLY B 15 5.01 1.65 10.57
C GLY B 15 4.75 0.34 11.33
N ILE B 16 4.91 0.34 12.63
CA ILE B 16 4.61 -0.84 13.48
C ILE B 16 3.65 -0.52 14.60
N ILE B 17 2.53 -1.28 14.68
CA ILE B 17 1.52 -1.03 15.71
C ILE B 17 2.08 -1.54 17.05
N LYS B 18 2.12 -0.61 18.00
CA LYS B 18 2.64 -0.81 19.37
CA LYS B 18 2.64 -0.90 19.32
C LYS B 18 1.59 -0.89 20.46
N GLU B 19 0.46 -0.25 20.26
CA GLU B 19 -0.65 -0.23 21.22
C GLU B 19 -1.99 -0.14 20.48
N VAL B 20 -3.00 -0.83 21.03
CA VAL B 20 -4.34 -0.89 20.44
C VAL B 20 -5.36 -0.78 21.52
N SER B 21 -6.31 0.14 21.40
CA SER B 21 -7.38 0.19 22.36
C SER B 21 -8.74 0.45 21.63
N ASP B 22 -9.90 0.21 22.29
CA ASP B 22 -11.20 0.43 21.59
C ASP B 22 -11.50 1.91 21.44
N PHE B 23 -11.99 2.37 20.31
CA PHE B 23 -12.33 3.77 20.13
C PHE B 23 -13.81 3.91 20.53
N LYS B 24 -14.04 4.05 21.83
CA LYS B 24 -15.39 3.86 22.40
C LYS B 24 -16.36 4.92 21.97
N GLU B 25 -15.87 6.12 21.69
CA GLU B 25 -16.70 7.22 21.25
C GLU B 25 -16.99 7.27 19.77
N ALA B 26 -16.32 6.47 18.94
CA ALA B 26 -16.52 6.56 17.50
C ALA B 26 -17.81 5.82 17.19
N ILE B 27 -18.59 6.32 16.27
CA ILE B 27 -19.82 5.66 15.88
C ILE B 27 -19.55 4.43 15.07
N LYS B 28 -18.50 4.43 14.25
CA LYS B 28 -18.10 3.18 13.53
C LYS B 28 -17.27 2.33 14.47
N PRO B 29 -17.27 1.00 14.32
CA PRO B 29 -16.42 0.18 15.18
C PRO B 29 -14.96 0.42 14.76
N ALA B 30 -14.12 0.84 15.70
CA ALA B 30 -12.76 1.27 15.35
C ALA B 30 -11.87 1.02 16.51
N TYR B 31 -10.61 0.85 16.22
CA TYR B 31 -9.56 0.90 17.19
C TYR B 31 -8.80 2.24 17.10
N LYS B 32 -8.37 2.70 18.24
CA LYS B 32 -7.22 3.65 18.42
C LYS B 32 -5.91 2.90 18.40
N LEU B 33 -5.04 3.26 17.49
CA LEU B 33 -3.74 2.64 17.27
C LEU B 33 -2.64 3.67 17.53
N LYS B 34 -1.65 3.23 18.29
CA LYS B 34 -0.38 3.95 18.47
C LYS B 34 0.66 3.22 17.70
N ILE B 35 1.24 3.91 16.73
CA ILE B 35 2.05 3.29 15.69
C ILE B 35 3.41 4.03 15.66
N TYR B 36 4.47 3.27 15.57
CA TYR B 36 5.87 3.81 15.55
C TYR B 36 6.33 3.87 14.11
N PHE B 37 6.85 5.04 13.71
CA PHE B 37 7.27 5.31 12.33
C PHE B 37 8.78 5.65 12.24
N GLY B 38 9.56 5.21 13.22
CA GLY B 38 11.01 5.38 13.13
C GLY B 38 11.43 6.60 13.96
N ASP B 39 12.72 6.80 14.03
CA ASP B 39 13.21 7.73 15.00
C ASP B 39 13.11 9.18 14.65
N ILE B 40 12.77 9.53 13.40
CA ILE B 40 12.46 10.89 13.00
C ILE B 40 11.03 11.25 13.20
N ILE B 41 10.10 10.44 12.66
CA ILE B 41 8.69 10.74 12.78
C ILE B 41 8.17 10.47 14.18
N GLY B 42 8.65 9.40 14.77
CA GLY B 42 8.17 8.99 16.07
C GLY B 42 6.81 8.31 16.05
N TYR B 43 6.08 8.45 17.16
CA TYR B 43 4.76 7.84 17.30
C TYR B 43 3.65 8.68 16.75
N LYS B 44 2.66 7.98 16.16
CA LYS B 44 1.47 8.67 15.69
C LYS B 44 0.28 7.84 16.07
N ASN B 45 -0.84 8.48 16.29
CA ASN B 45 -2.08 7.80 16.56
C ASN B 45 -2.94 7.73 15.35
N SER B 46 -3.77 6.66 15.27
CA SER B 46 -4.69 6.52 14.16
C SER B 46 -5.99 5.89 14.68
N SER B 47 -7.09 6.30 14.10
CA SER B 47 -8.38 5.55 14.18
C SER B 47 -8.45 4.59 12.95
N ALA B 48 -8.71 3.32 13.17
CA ALA B 48 -8.76 2.34 12.09
C ALA B 48 -9.99 1.41 12.26
N GLN B 49 -10.81 1.29 11.22
CA GLN B 49 -12.03 0.45 11.24
C GLN B 49 -11.57 -0.98 10.86
N ILE B 50 -10.80 -1.55 11.74
CA ILE B 50 -10.22 -2.90 11.55
C ILE B 50 -10.52 -3.84 12.72
N THR B 51 -11.74 -3.72 13.25
CA THR B 51 -12.12 -4.59 14.41
C THR B 51 -12.45 -6.03 14.05
N ASN B 52 -12.43 -6.36 12.75
CA ASN B 52 -12.33 -7.70 12.31
C ASN B 52 -11.04 -8.39 12.71
N TYR B 53 -9.99 -7.61 13.01
CA TYR B 53 -8.79 -8.16 13.63
C TYR B 53 -8.93 -8.13 15.14
N LYS B 54 -8.45 -9.16 15.81
CA LYS B 54 -8.36 -9.10 17.26
C LYS B 54 -7.22 -8.17 17.62
N LYS B 55 -7.27 -7.56 18.78
CA LYS B 55 -6.17 -6.68 19.19
C LYS B 55 -4.81 -7.39 19.17
N ASP B 56 -4.73 -8.67 19.59
CA ASP B 56 -3.46 -9.33 19.61
C ASP B 56 -2.96 -9.72 18.19
N GLU B 57 -3.81 -9.62 17.18
CA GLU B 57 -3.34 -9.79 15.83
C GLU B 57 -2.60 -8.52 15.33
N LEU B 58 -2.83 -7.37 15.95
CA LEU B 58 -2.28 -6.12 15.45
C LEU B 58 -0.99 -5.73 16.17
N ILE B 59 -0.82 -6.15 17.40
CA ILE B 59 0.36 -5.75 18.15
C ILE B 59 1.62 -6.33 17.49
N ASN B 60 2.62 -5.48 17.28
CA ASN B 60 3.84 -5.89 16.51
C ASN B 60 3.64 -6.09 15.01
N LYS B 61 2.50 -5.70 14.45
CA LYS B 61 2.26 -5.86 12.99
C LYS B 61 2.82 -4.63 12.24
N LYS B 62 3.54 -4.89 11.15
CA LYS B 62 4.04 -3.83 10.28
C LYS B 62 2.92 -3.45 9.31
N ILE B 63 2.53 -2.21 9.31
CA ILE B 63 1.48 -1.70 8.45
C ILE B 63 2.06 -0.58 7.55
N ILE B 64 1.19 -0.07 6.69
CA ILE B 64 1.53 0.95 5.79
C ILE B 64 0.62 2.10 6.03
N ALA B 65 1.15 3.33 6.14
CA ALA B 65 0.29 4.50 6.42
C ALA B 65 0.71 5.77 5.63
N VAL B 66 -0.28 6.62 5.30
CA VAL B 66 0.00 7.99 4.85
C VAL B 66 0.28 8.86 6.06
N VAL B 67 1.46 9.51 6.05
CA VAL B 67 1.93 10.21 7.22
C VAL B 67 1.88 11.74 7.13
N ASN B 68 1.54 12.30 5.98
CA ASN B 68 1.49 13.76 5.78
C ASN B 68 0.12 14.34 5.52
N PHE B 69 -0.91 13.68 6.05
CA PHE B 69 -2.23 14.32 6.13
C PHE B 69 -2.24 15.30 7.29
N PRO B 70 -3.16 16.27 7.22
CA PRO B 70 -3.41 17.07 8.35
C PRO B 70 -4.09 16.20 9.39
N PRO B 71 -4.01 16.58 10.66
CA PRO B 71 -4.70 15.80 11.67
C PRO B 71 -6.20 15.92 11.53
N LYS B 72 -6.89 14.86 11.92
CA LYS B 72 -8.32 14.71 11.67
C LYS B 72 -8.92 14.44 13.07
N GLN B 73 -9.82 15.31 13.54
CA GLN B 73 -10.50 15.07 14.81
C GLN B 73 -11.71 14.20 14.57
N ILE B 74 -11.86 13.16 15.37
CA ILE B 74 -13.02 12.24 15.30
C ILE B 74 -13.43 12.17 16.79
N ALA B 75 -14.65 12.63 17.10
CA ALA B 75 -15.05 12.86 18.49
C ALA B 75 -13.97 13.62 19.26
N ASN B 76 -13.45 13.04 20.35
CA ASN B 76 -12.41 13.62 21.22
C ASN B 76 -10.98 13.13 20.91
N PHE B 77 -10.82 12.50 19.75
CA PHE B 77 -9.53 11.86 19.42
C PHE B 77 -8.96 12.49 18.15
N ILE B 78 -7.64 12.57 18.03
CA ILE B 78 -7.00 13.14 16.82
C ILE B 78 -6.28 11.98 16.11
N SER B 79 -6.77 11.64 14.92
CA SER B 79 -6.16 10.61 14.08
C SER B 79 -5.13 11.33 13.22
N GLU B 80 -3.87 10.89 13.32
CA GLU B 80 -2.73 11.59 12.72
C GLU B 80 -2.25 10.99 11.45
N VAL B 81 -2.60 9.73 11.22
CA VAL B 81 -2.18 9.00 9.98
C VAL B 81 -3.35 8.10 9.54
N LEU B 82 -3.29 7.71 8.28
CA LEU B 82 -4.25 6.80 7.64
C LEU B 82 -3.54 5.46 7.41
N VAL B 83 -4.06 4.41 8.00
CA VAL B 83 -3.50 3.08 7.83
C VAL B 83 -4.19 2.48 6.61
N LEU B 84 -3.44 1.82 5.76
CA LEU B 84 -4.00 1.43 4.44
C LEU B 84 -4.45 0.02 4.47
N GLY B 85 -5.64 -0.18 3.94
CA GLY B 85 -6.15 -1.53 3.78
C GLY B 85 -7.10 -1.62 2.59
N ALA B 86 -7.21 -2.84 2.08
CA ALA B 86 -8.13 -3.19 0.99
C ALA B 86 -9.52 -3.41 1.49
N ILE B 87 -10.49 -2.94 0.72
CA ILE B 87 -11.92 -3.15 1.07
C ILE B 87 -12.31 -4.42 0.34
N THR B 88 -12.53 -5.48 1.09
CA THR B 88 -12.76 -6.83 0.52
C THR B 88 -14.15 -7.30 0.93
N GLY B 89 -14.58 -8.39 0.30
CA GLY B 89 -15.81 -9.14 0.68
C GLY B 89 -15.76 -9.73 2.08
N ASP B 90 -14.57 -9.81 2.67
CA ASP B 90 -14.44 -10.25 4.07
C ASP B 90 -13.94 -9.12 5.03
N GLY B 91 -14.32 -7.87 4.81
CA GLY B 91 -13.87 -6.74 5.59
C GLY B 91 -12.53 -6.13 5.12
N VAL B 92 -12.09 -5.13 5.88
CA VAL B 92 -10.85 -4.44 5.61
C VAL B 92 -9.67 -5.38 5.82
N LYS B 93 -8.76 -5.44 4.84
CA LYS B 93 -7.54 -6.32 5.00
C LYS B 93 -6.34 -5.43 4.87
N LEU B 94 -5.65 -5.26 5.95
CA LEU B 94 -4.41 -4.45 5.99
C LEU B 94 -3.37 -4.87 4.92
N LEU B 95 -2.71 -3.83 4.48
CA LEU B 95 -1.52 -3.93 3.75
C LEU B 95 -0.35 -4.10 4.70
N THR B 96 0.54 -5.05 4.34
CA THR B 96 1.83 -5.23 5.01
C THR B 96 2.99 -5.23 4.02
N PRO B 97 4.17 -4.74 4.45
CA PRO B 97 5.31 -4.95 3.61
C PRO B 97 5.95 -6.36 3.73
N ASP B 98 6.58 -6.87 2.68
CA ASP B 98 7.24 -8.13 2.76
C ASP B 98 8.44 -8.02 3.74
N GLY B 99 8.97 -6.80 3.98
CA GLY B 99 10.01 -6.57 4.96
C GLY B 99 10.18 -5.07 5.11
N GLY B 100 11.08 -4.61 5.97
CA GLY B 100 11.26 -3.20 6.07
C GLY B 100 11.20 -2.78 7.53
N GLU B 101 11.67 -1.61 7.78
CA GLU B 101 11.68 -1.02 9.11
C GLU B 101 10.74 0.17 9.16
N PRO B 102 10.21 0.45 10.36
CA PRO B 102 9.43 1.67 10.56
C PRO B 102 10.12 2.92 10.06
N GLY B 103 9.40 3.72 9.25
CA GLY B 103 9.93 4.92 8.56
C GLY B 103 10.40 4.67 7.19
N ASP B 104 10.52 3.39 6.80
CA ASP B 104 10.86 3.09 5.34
C ASP B 104 9.75 3.62 4.43
N LYS B 105 10.13 4.20 3.28
CA LYS B 105 9.20 4.93 2.40
C LYS B 105 8.81 4.10 1.18
N ILE B 106 7.56 4.25 0.79
CA ILE B 106 7.06 3.58 -0.37
C ILE B 106 7.49 4.35 -1.58
N ALA B 107 8.00 3.63 -2.59
CA ALA B 107 8.58 4.25 -3.75
C ALA B 107 7.60 4.84 -4.70
#